data_2CHL
#
_entry.id   2CHL
#
_cell.length_a   55.802
_cell.length_b   55.802
_cell.length_c   219.707
_cell.angle_alpha   90.00
_cell.angle_beta   90.00
_cell.angle_gamma   120.00
#
_symmetry.space_group_name_H-M   'P 31 2 1'
#
loop_
_entity.id
_entity.type
_entity.pdbx_description
1 polymer 'CASEIN KINASE I ISOFORM GAMMA-3'
2 non-polymer 5-AMINO-3-{[4-(AMINOSULFONYL)PHENYL]AMINO}-N-(2,6-DIFLUOROPHENYL)-1H-1,2,4-TRIAZOLE-1-CARBOTHIOAMIDE
3 non-polymer 'SULFATE ION'
4 water water
#
_entity_poly.entity_id   1
_entity_poly.type   'polypeptide(L)'
_entity_poly.pdbx_seq_one_letter_code
;MHHHHHHSSGVDLGTENLYFQSMGVLMVGPNFRVGKKIGCGNFGELRLGKNLYTNEYVAIKLEPMKSRAPQLHLEYRFYK
QLGSGDGIPQVYYFGPCGKYNAMVLELLGPSLEDLFDLCDRTFSLKTVLMIAIQLISRMEYVHSKNLIYRDVKPENFLIG
RPGNKTQQVIHIIDFALAKEYIDPETKKHIPYREHKSLTGTARYMSINTHLGKEQSRRDDLEALGHMFMYFLRGSLPWQG
LKADTLKERYQKIGDTKRATPIEVLCENFPEMATYLRYVRRLDFFEKPDYDYLRKLFTDLFDRKGYMFDYEYDWIGKQLP
TPVGAVQQDPALSSNREAHQHRDKMQQSKNQ
;
_entity_poly.pdbx_strand_id   A
#
loop_
_chem_comp.id
_chem_comp.type
_chem_comp.name
_chem_comp.formula
DKI non-polymer 5-AMINO-3-{[4-(AMINOSULFONYL)PHENYL]AMINO}-N-(2,6-DIFLUOROPHENYL)-1H-1,2,4-TRIAZOLE-1-CARBOTHIOAMIDE 'C15 H13 F2 N7 O2 S2'
SO4 non-polymer 'SULFATE ION' 'O4 S -2'
#
# COMPACT_ATOMS: atom_id res chain seq x y z
N VAL A 25 5.13 -3.87 31.49
CA VAL A 25 6.42 -4.59 31.71
C VAL A 25 6.73 -5.58 30.56
N LEU A 26 5.89 -5.59 29.51
CA LEU A 26 6.12 -6.41 28.31
C LEU A 26 7.26 -5.87 27.42
N MET A 27 8.07 -6.80 26.92
CA MET A 27 9.27 -6.53 26.16
C MET A 27 9.26 -7.48 24.98
N VAL A 28 9.86 -7.03 23.89
CA VAL A 28 10.06 -7.80 22.70
C VAL A 28 11.57 -7.84 22.51
N GLY A 29 12.12 -9.04 22.44
CA GLY A 29 13.56 -9.23 22.32
C GLY A 29 14.29 -8.66 23.53
N PRO A 30 15.56 -8.36 23.34
CA PRO A 30 16.34 -7.83 24.50
C PRO A 30 15.96 -6.41 24.99
N ASN A 31 15.44 -5.59 24.09
CA ASN A 31 15.54 -4.14 24.20
C ASN A 31 14.30 -3.31 23.81
N PHE A 32 13.23 -3.95 23.35
CA PHE A 32 12.04 -3.22 22.89
C PHE A 32 10.91 -3.29 23.92
N ARG A 33 10.66 -2.18 24.60
CA ARG A 33 9.53 -2.06 25.47
C ARG A 33 8.27 -1.89 24.63
N VAL A 34 7.25 -2.67 24.95
CA VAL A 34 5.93 -2.53 24.35
C VAL A 34 5.12 -1.50 25.14
N GLY A 35 4.72 -0.43 24.45
CA GLY A 35 3.87 0.63 25.01
C GLY A 35 2.45 0.56 24.53
N LYS A 36 1.84 1.72 24.33
CA LYS A 36 0.37 1.83 24.17
C LYS A 36 -0.12 1.29 22.84
N LYS A 37 -1.38 0.86 22.80
CA LYS A 37 -2.00 0.48 21.55
C LYS A 37 -2.13 1.75 20.71
N ILE A 38 -1.61 1.70 19.48
CA ILE A 38 -1.75 2.82 18.57
C ILE A 38 -2.49 2.37 17.31
N GLY A 39 -3.28 1.31 17.46
CA GLY A 39 -3.98 0.67 16.35
C GLY A 39 -4.32 -0.79 16.59
N CYS A 40 -5.31 -1.29 15.85
CA CYS A 40 -5.58 -2.72 15.77
C CYS A 40 -6.44 -3.06 14.56
N GLY A 41 -6.62 -4.33 14.32
CA GLY A 41 -7.39 -4.80 13.19
C GLY A 41 -7.44 -6.31 13.23
N ASN A 42 -7.85 -6.91 12.11
CA ASN A 42 -7.78 -8.36 11.96
C ASN A 42 -6.35 -8.86 12.14
N PHE A 43 -5.37 -8.00 11.82
CA PHE A 43 -3.95 -8.34 11.95
C PHE A 43 -3.47 -8.58 13.38
N GLY A 44 -4.20 -8.04 14.36
CA GLY A 44 -3.82 -8.05 15.76
C GLY A 44 -3.79 -6.62 16.27
N GLU A 45 -2.64 -6.21 16.82
CA GLU A 45 -2.48 -4.91 17.45
C GLU A 45 -1.21 -4.22 16.96
N LEU A 46 -1.30 -2.91 16.88
CA LEU A 46 -0.13 -2.06 16.72
C LEU A 46 0.07 -1.33 18.03
N ARG A 47 1.30 -1.42 18.50
CA ARG A 47 1.75 -0.81 19.71
C ARG A 47 2.89 0.12 19.38
N LEU A 48 2.93 1.22 20.11
CA LEU A 48 4.10 2.02 20.19
C LEU A 48 5.10 1.22 21.01
N GLY A 49 6.34 1.22 20.54
CA GLY A 49 7.43 0.59 21.25
C GLY A 49 8.56 1.59 21.42
N LYS A 50 9.50 1.24 22.28
CA LYS A 50 10.73 1.98 22.44
C LYS A 50 11.89 1.01 22.49
N ASN A 51 12.86 1.22 21.58
CA ASN A 51 14.14 0.61 21.74
C ASN A 51 14.84 1.30 22.91
N LEU A 52 14.83 0.61 24.05
CA LEU A 52 15.46 1.09 25.27
C LEU A 52 16.97 1.33 25.13
N TYR A 53 17.58 0.55 24.26
CA TYR A 53 19.01 0.60 24.03
C TYR A 53 19.44 1.81 23.22
N THR A 54 18.53 2.35 22.42
CA THR A 54 18.86 3.43 21.50
C THR A 54 18.02 4.69 21.71
N ASN A 55 17.10 4.64 22.68
CA ASN A 55 16.19 5.74 22.94
C ASN A 55 15.42 6.15 21.66
N GLU A 56 14.88 5.15 20.96
CA GLU A 56 14.15 5.38 19.74
C GLU A 56 12.79 4.72 19.83
N TYR A 57 11.76 5.44 19.47
CA TYR A 57 10.43 4.85 19.31
C TYR A 57 10.38 4.00 18.05
N VAL A 58 9.59 2.94 18.14
CA VAL A 58 9.43 1.94 17.10
C VAL A 58 7.95 1.64 17.06
N ALA A 59 7.53 0.93 16.02
CA ALA A 59 6.19 0.33 15.96
C ALA A 59 6.32 -1.17 16.21
N ILE A 60 5.38 -1.73 16.98
CA ILE A 60 5.40 -3.16 17.31
C ILE A 60 4.06 -3.75 16.85
N LYS A 61 4.15 -4.60 15.85
CA LYS A 61 3.00 -5.27 15.31
C LYS A 61 2.90 -6.65 15.98
N LEU A 62 1.77 -6.87 16.64
CA LEU A 62 1.50 -8.07 17.41
C LEU A 62 0.40 -8.92 16.79
N GLU A 63 0.72 -10.19 16.58
CA GLU A 63 -0.25 -11.16 16.12
C GLU A 63 -0.41 -12.21 17.21
N PRO A 64 -1.66 -12.45 17.67
CA PRO A 64 -1.85 -13.54 18.62
C PRO A 64 -1.22 -14.80 18.10
N MET A 65 -0.40 -15.45 18.95
CA MET A 65 0.05 -16.83 18.67
C MET A 65 -1.08 -17.78 18.36
N LYS A 66 -2.23 -17.61 19.03
CA LYS A 66 -3.39 -18.47 18.81
C LYS A 66 -4.06 -18.25 17.44
N SER A 67 -3.58 -17.30 16.67
CA SER A 67 -4.19 -16.97 15.37
C SER A 67 -4.30 -18.19 14.44
N ARG A 68 -5.51 -18.40 13.92
CA ARG A 68 -5.73 -19.13 12.68
C ARG A 68 -5.42 -18.12 11.61
N ALA A 69 -4.68 -18.53 10.58
CA ALA A 69 -4.19 -17.59 9.56
C ALA A 69 -3.14 -16.61 10.12
N PRO A 70 -2.02 -17.16 10.63
CA PRO A 70 -0.88 -16.30 10.92
C PRO A 70 -0.34 -15.66 9.65
N GLN A 71 -0.01 -14.38 9.70
CA GLN A 71 0.63 -13.74 8.56
C GLN A 71 1.78 -12.78 8.91
N LEU A 72 2.09 -12.63 10.21
CA LEU A 72 3.19 -11.79 10.64
C LEU A 72 4.57 -12.34 10.26
N HIS A 73 4.76 -13.66 10.41
CA HIS A 73 6.04 -14.33 10.10
C HIS A 73 6.32 -14.25 8.58
N LEU A 74 5.27 -14.43 7.77
CA LEU A 74 5.40 -14.27 6.32
C LEU A 74 5.88 -12.87 6.00
N GLU A 75 5.17 -11.90 6.58
CA GLU A 75 5.39 -10.51 6.34
C GLU A 75 6.81 -10.11 6.69
N TYR A 76 7.34 -10.63 7.81
CA TYR A 76 8.73 -10.41 8.21
C TYR A 76 9.74 -10.92 7.17
N ARG A 77 9.50 -12.13 6.66
CA ARG A 77 10.28 -12.71 5.56
C ARG A 77 10.23 -11.82 4.29
N PHE A 78 9.05 -11.33 3.94
CA PHE A 78 8.92 -10.38 2.83
C PHE A 78 9.76 -9.13 3.02
N TYR A 79 9.72 -8.54 4.21
CA TYR A 79 10.50 -7.34 4.53
C TYR A 79 11.99 -7.60 4.42
N LYS A 80 12.43 -8.75 4.92
CA LYS A 80 13.82 -9.20 4.79
C LYS A 80 14.20 -9.38 3.32
N GLN A 81 13.25 -9.86 2.51
CA GLN A 81 13.45 -9.99 1.09
C GLN A 81 13.48 -8.64 0.37
N LEU A 82 12.68 -7.69 0.84
CA LEU A 82 12.71 -6.34 0.31
C LEU A 82 13.99 -5.67 0.66
N GLY A 83 14.52 -6.01 1.83
CA GLY A 83 15.67 -5.34 2.36
C GLY A 83 15.40 -3.87 2.63
N SER A 84 16.50 -3.12 2.70
CA SER A 84 16.51 -1.69 2.87
C SER A 84 16.21 -1.07 1.51
N GLY A 85 15.00 -0.55 1.39
CA GLY A 85 14.58 0.16 0.22
C GLY A 85 14.12 1.53 0.67
N ASP A 86 14.22 2.46 -0.26
CA ASP A 86 13.64 3.76 -0.14
C ASP A 86 12.14 3.57 0.07
N GLY A 87 11.63 4.12 1.17
CA GLY A 87 10.21 4.02 1.52
C GLY A 87 9.77 2.63 1.95
N ILE A 88 10.71 1.80 2.34
CA ILE A 88 10.38 0.49 2.88
C ILE A 88 10.70 0.64 4.36
N PRO A 89 9.72 0.37 5.25
CA PRO A 89 10.09 0.47 6.66
C PRO A 89 11.19 -0.50 7.04
N GLN A 90 12.05 -0.03 7.92
CA GLN A 90 13.05 -0.87 8.50
C GLN A 90 12.33 -1.80 9.47
N VAL A 91 12.77 -3.06 9.47
CA VAL A 91 12.27 -4.04 10.41
C VAL A 91 13.43 -4.41 11.31
N TYR A 92 13.16 -4.43 12.60
CA TYR A 92 14.23 -4.54 13.57
C TYR A 92 14.26 -5.91 14.21
N TYR A 93 13.11 -6.53 14.33
CA TYR A 93 12.96 -7.69 15.15
C TYR A 93 11.69 -8.46 14.81
N PHE A 94 11.83 -9.77 14.80
CA PHE A 94 10.70 -10.66 14.86
C PHE A 94 10.94 -11.64 15.99
N GLY A 95 9.92 -11.83 16.80
CA GLY A 95 10.04 -12.71 17.91
C GLY A 95 8.82 -12.77 18.79
N PRO A 96 8.83 -13.71 19.72
CA PRO A 96 7.68 -13.84 20.59
C PRO A 96 7.60 -12.79 21.70
N CYS A 97 6.37 -12.52 22.11
CA CYS A 97 6.08 -11.51 23.06
C CYS A 97 4.78 -11.86 23.81
N GLY A 98 4.91 -12.44 25.00
CA GLY A 98 3.80 -13.05 25.70
C GLY A 98 3.06 -14.01 24.79
N LYS A 99 1.77 -13.77 24.60
CA LYS A 99 0.93 -14.63 23.76
C LYS A 99 0.87 -14.15 22.29
N TYR A 100 1.80 -13.29 21.91
CA TYR A 100 1.88 -12.77 20.57
C TYR A 100 3.20 -13.10 19.90
N ASN A 101 3.15 -13.15 18.57
CA ASN A 101 4.33 -12.92 17.74
C ASN A 101 4.42 -11.41 17.46
N ALA A 102 5.63 -10.89 17.55
CA ALA A 102 5.88 -9.47 17.45
C ALA A 102 6.87 -9.17 16.33
N MET A 103 6.57 -8.10 15.62
CA MET A 103 7.49 -7.55 14.64
C MET A 103 7.69 -6.10 14.99
N VAL A 104 8.93 -5.77 15.30
CA VAL A 104 9.32 -4.43 15.67
C VAL A 104 9.82 -3.85 14.35
N LEU A 105 9.27 -2.72 14.00
CA LEU A 105 9.64 -2.03 12.79
C LEU A 105 9.64 -0.55 13.05
N GLU A 106 10.13 0.16 12.07
CA GLU A 106 10.13 1.61 12.02
C GLU A 106 8.76 2.23 12.30
N LEU A 107 8.76 3.14 13.28
CA LEU A 107 7.64 4.00 13.55
C LEU A 107 7.60 5.01 12.42
N LEU A 108 6.49 4.98 11.72
CA LEU A 108 6.26 5.89 10.61
C LEU A 108 5.18 6.88 11.04
N GLY A 109 4.81 7.76 10.14
CA GLY A 109 3.79 8.73 10.40
C GLY A 109 2.45 8.24 9.95
N PRO A 110 1.51 9.19 9.82
CA PRO A 110 0.18 8.91 9.35
C PRO A 110 0.12 8.28 7.96
N SER A 111 -0.93 7.49 7.79
CA SER A 111 -1.30 6.97 6.49
C SER A 111 -1.93 8.05 5.59
N LEU A 112 -1.86 7.76 4.31
CA LEU A 112 -2.46 8.56 3.29
C LEU A 112 -3.97 8.65 3.49
N GLU A 113 -4.58 7.62 4.07
CA GLU A 113 -5.99 7.68 4.39
C GLU A 113 -6.32 8.68 5.51
N ASP A 114 -5.51 8.65 6.57
CA ASP A 114 -5.59 9.63 7.68
C ASP A 114 -5.27 11.04 7.19
N LEU A 115 -4.27 11.14 6.33
CA LEU A 115 -3.93 12.40 5.72
C LEU A 115 -5.05 12.88 4.78
N PHE A 116 -5.66 11.97 4.05
CA PHE A 116 -6.77 12.30 3.16
C PHE A 116 -7.93 12.94 3.94
N ASP A 117 -8.28 12.35 5.09
CA ASP A 117 -9.27 12.91 6.05
C ASP A 117 -8.91 14.29 6.57
N LEU A 118 -7.64 14.45 6.91
CA LEU A 118 -7.12 15.73 7.37
C LEU A 118 -7.31 16.81 6.29
N CYS A 119 -7.29 16.39 5.02
CA CYS A 119 -7.34 17.30 3.88
C CYS A 119 -8.73 17.29 3.22
N ASP A 120 -9.74 16.95 4.01
CA ASP A 120 -11.16 16.96 3.62
C ASP A 120 -11.51 16.02 2.48
N ARG A 121 -10.81 14.89 2.47
CA ARG A 121 -10.97 13.80 1.50
C ARG A 121 -10.98 14.24 0.02
N THR A 122 -9.98 15.00 -0.32
CA THR A 122 -9.58 15.24 -1.69
C THR A 122 -8.13 15.73 -1.59
N PHE A 123 -7.29 15.23 -2.48
CA PHE A 123 -5.96 15.77 -2.60
C PHE A 123 -5.85 16.56 -3.90
N SER A 124 -5.03 17.60 -3.88
CA SER A 124 -4.68 18.27 -5.11
C SER A 124 -4.01 17.29 -6.06
N LEU A 125 -4.01 17.67 -7.32
CA LEU A 125 -3.29 16.95 -8.34
C LEU A 125 -1.81 16.91 -8.02
N LYS A 126 -1.24 18.03 -7.61
CA LYS A 126 0.19 18.07 -7.22
C LYS A 126 0.54 16.99 -6.20
N THR A 127 -0.23 16.95 -5.12
CA THR A 127 -0.09 15.94 -4.09
C THR A 127 -0.23 14.49 -4.63
N VAL A 128 -1.28 14.23 -5.40
CA VAL A 128 -1.55 12.92 -5.94
C VAL A 128 -0.40 12.48 -6.86
N LEU A 129 0.14 13.44 -7.63
CA LEU A 129 1.25 13.21 -8.52
C LEU A 129 2.56 12.92 -7.79
N MET A 130 2.87 13.70 -6.74
CA MET A 130 4.00 13.43 -5.87
C MET A 130 3.87 12.06 -5.22
N ILE A 131 2.66 11.73 -4.76
CA ILE A 131 2.34 10.43 -4.25
C ILE A 131 2.55 9.36 -5.32
N ALA A 132 2.03 9.59 -6.53
CA ALA A 132 1.98 8.59 -7.59
C ALA A 132 3.35 8.27 -8.13
N ILE A 133 4.14 9.29 -8.37
CA ILE A 133 5.51 9.14 -8.83
C ILE A 133 6.30 8.25 -7.87
N GLN A 134 6.26 8.57 -6.59
CA GLN A 134 6.88 7.79 -5.54
C GLN A 134 6.39 6.34 -5.45
N LEU A 135 5.09 6.15 -5.61
CA LEU A 135 4.46 4.89 -5.40
C LEU A 135 4.64 3.95 -6.58
N ILE A 136 4.71 4.48 -7.80
CA ILE A 136 5.16 3.71 -8.95
C ILE A 136 6.59 3.20 -8.76
N SER A 137 7.46 4.04 -8.19
CA SER A 137 8.79 3.61 -7.84
C SER A 137 8.85 2.58 -6.70
N ARG A 138 7.98 2.73 -5.70
CA ARG A 138 7.90 1.82 -4.59
C ARG A 138 7.50 0.44 -5.12
N MET A 139 6.49 0.44 -5.95
CA MET A 139 5.93 -0.76 -6.51
C MET A 139 6.95 -1.44 -7.40
N GLU A 140 7.61 -0.65 -8.22
CA GLU A 140 8.72 -1.15 -9.01
C GLU A 140 9.80 -1.80 -8.18
N TYR A 141 10.16 -1.19 -7.04
CA TYR A 141 11.08 -1.78 -6.11
C TYR A 141 10.57 -3.12 -5.56
N VAL A 142 9.34 -3.15 -5.05
CA VAL A 142 8.76 -4.37 -4.55
C VAL A 142 8.89 -5.47 -5.64
N HIS A 143 8.43 -5.13 -6.85
CA HIS A 143 8.52 -6.03 -8.01
C HIS A 143 9.90 -6.49 -8.41
N SER A 144 10.91 -5.66 -8.18
CA SER A 144 12.28 -6.00 -8.51
C SER A 144 12.83 -7.03 -7.52
N LYS A 145 12.17 -7.14 -6.37
CA LYS A 145 12.51 -8.07 -5.32
C LYS A 145 11.60 -9.29 -5.44
N ASN A 146 10.97 -9.43 -6.61
CA ASN A 146 10.21 -10.62 -7.01
C ASN A 146 8.91 -10.80 -6.21
N LEU A 147 8.44 -9.69 -5.67
CA LEU A 147 7.21 -9.65 -4.89
C LEU A 147 6.16 -8.85 -5.62
N ILE A 148 4.94 -9.34 -5.56
CA ILE A 148 3.77 -8.49 -5.78
C ILE A 148 3.18 -8.20 -4.39
N TYR A 149 2.51 -7.06 -4.30
CA TYR A 149 2.11 -6.45 -3.05
C TYR A 149 0.71 -6.89 -2.62
N ARG A 150 -0.25 -6.68 -3.52
CA ARG A 150 -1.63 -7.21 -3.46
C ARG A 150 -2.50 -6.63 -2.31
N ASP A 151 -2.07 -5.52 -1.70
CA ASP A 151 -2.89 -4.87 -0.71
C ASP A 151 -2.79 -3.35 -0.82
N VAL A 152 -2.90 -2.83 -2.04
CA VAL A 152 -2.94 -1.38 -2.26
C VAL A 152 -4.20 -0.80 -1.61
N LYS A 153 -3.96 0.13 -0.72
CA LYS A 153 -4.99 0.93 -0.10
C LYS A 153 -4.28 2.12 0.55
N PRO A 154 -4.98 3.24 0.73
CA PRO A 154 -4.37 4.43 1.31
C PRO A 154 -3.83 4.24 2.74
N GLU A 155 -4.40 3.29 3.48
CA GLU A 155 -3.98 2.93 4.83
C GLU A 155 -2.60 2.26 4.92
N ASN A 156 -2.09 1.74 3.81
CA ASN A 156 -0.83 1.02 3.77
C ASN A 156 0.32 1.87 3.22
N PHE A 157 0.04 3.17 3.03
CA PHE A 157 1.04 4.11 2.58
C PHE A 157 1.13 5.17 3.64
N LEU A 158 2.31 5.23 4.26
CA LEU A 158 2.52 6.11 5.38
C LEU A 158 3.64 7.08 5.04
N ILE A 159 3.45 8.31 5.46
CA ILE A 159 4.58 9.24 5.48
C ILE A 159 5.50 8.84 6.63
N GLY A 160 6.71 9.38 6.62
CA GLY A 160 7.63 9.15 7.69
C GLY A 160 7.18 9.98 8.88
N ARG A 161 7.96 9.91 9.95
CA ARG A 161 7.56 10.56 11.20
C ARG A 161 7.65 12.06 11.11
N PRO A 162 6.53 12.78 11.41
CA PRO A 162 6.64 14.23 11.62
C PRO A 162 7.95 14.62 12.31
N GLY A 163 8.71 15.53 11.70
CA GLY A 163 10.02 15.93 12.20
C GLY A 163 11.21 15.15 11.66
N ASN A 164 10.98 13.91 11.22
CA ASN A 164 12.08 13.07 10.74
C ASN A 164 12.55 13.44 9.33
N LYS A 165 13.76 12.98 9.00
CA LYS A 165 14.34 13.13 7.66
C LYS A 165 13.55 12.43 6.54
N THR A 166 12.59 11.57 6.89
CA THR A 166 11.78 10.83 5.91
C THR A 166 10.27 11.13 6.00
N GLN A 167 9.86 12.16 6.73
CA GLN A 167 8.43 12.56 6.79
C GLN A 167 7.79 12.80 5.41
N GLN A 168 8.59 13.32 4.49
CA GLN A 168 8.17 13.56 3.12
C GLN A 168 8.04 12.29 2.27
N VAL A 169 8.75 11.21 2.67
CA VAL A 169 8.75 9.98 1.88
C VAL A 169 7.48 9.18 2.14
N ILE A 170 6.81 8.75 1.07
CA ILE A 170 5.69 7.85 1.18
C ILE A 170 6.23 6.43 1.24
N HIS A 171 5.98 5.76 2.36
CA HIS A 171 6.43 4.42 2.57
C HIS A 171 5.32 3.47 2.20
N ILE A 172 5.71 2.25 1.87
CA ILE A 172 4.74 1.18 1.64
C ILE A 172 4.90 0.24 2.82
N ILE A 173 3.76 -0.16 3.38
CA ILE A 173 3.74 -0.95 4.59
C ILE A 173 2.71 -2.05 4.45
N ASP A 174 2.89 -3.10 5.26
CA ASP A 174 2.00 -4.24 5.34
C ASP A 174 2.13 -5.19 4.12
N PHE A 175 3.06 -6.11 4.25
CA PHE A 175 3.30 -7.10 3.25
C PHE A 175 2.69 -8.45 3.56
N ALA A 176 1.70 -8.48 4.44
CA ALA A 176 1.06 -9.72 4.86
C ALA A 176 0.40 -10.46 3.67
N LEU A 177 -0.15 -9.71 2.74
CA LEU A 177 -0.81 -10.25 1.55
C LEU A 177 0.12 -10.34 0.35
N ALA A 178 1.41 -10.07 0.52
CA ALA A 178 2.33 -10.16 -0.61
C ALA A 178 2.58 -11.62 -1.08
N LYS A 179 3.17 -11.74 -2.25
CA LYS A 179 3.47 -13.02 -2.84
C LYS A 179 4.66 -12.85 -3.76
N GLU A 180 5.54 -13.85 -3.77
CA GLU A 180 6.57 -13.98 -4.78
C GLU A 180 5.91 -14.37 -6.11
N TYR A 181 6.07 -13.50 -7.10
CA TYR A 181 5.48 -13.71 -8.42
C TYR A 181 6.55 -14.35 -9.37
N ILE A 182 7.80 -14.37 -8.92
CA ILE A 182 8.83 -15.21 -9.52
C ILE A 182 9.08 -16.34 -8.51
N ASP A 183 8.81 -17.54 -8.96
CA ASP A 183 8.95 -18.74 -8.15
C ASP A 183 10.43 -19.00 -7.93
N PRO A 184 10.88 -19.00 -6.65
CA PRO A 184 12.30 -19.13 -6.38
C PRO A 184 12.85 -20.51 -6.84
N GLU A 185 12.01 -21.54 -6.83
CA GLU A 185 12.39 -22.86 -7.36
C GLU A 185 12.76 -22.73 -8.84
N THR A 186 11.79 -22.29 -9.67
CA THR A 186 11.97 -22.24 -11.13
C THR A 186 12.63 -20.97 -11.67
N LYS A 187 12.56 -19.87 -10.92
CA LYS A 187 12.88 -18.51 -11.43
C LYS A 187 12.00 -18.10 -12.64
N LYS A 188 10.84 -18.74 -12.76
CA LYS A 188 9.87 -18.39 -13.75
C LYS A 188 8.79 -17.60 -13.05
N HIS A 189 8.19 -16.68 -13.78
CA HIS A 189 6.99 -16.03 -13.36
C HIS A 189 5.97 -17.10 -12.93
N ILE A 190 5.27 -16.85 -11.83
CA ILE A 190 4.20 -17.76 -11.40
C ILE A 190 3.21 -17.94 -12.56
N PRO A 191 2.60 -19.14 -12.67
CA PRO A 191 1.65 -19.30 -13.75
C PRO A 191 0.37 -18.48 -13.59
N TYR A 192 -0.26 -18.25 -14.73
CA TYR A 192 -1.58 -17.74 -14.75
C TYR A 192 -2.50 -18.82 -14.17
N ARG A 193 -3.40 -18.37 -13.33
CA ARG A 193 -4.54 -19.16 -12.96
C ARG A 193 -5.64 -18.23 -12.45
N GLU A 194 -6.80 -18.84 -12.25
CA GLU A 194 -7.98 -18.17 -11.81
C GLU A 194 -8.41 -18.92 -10.52
N HIS A 195 -9.64 -18.68 -10.07
CA HIS A 195 -10.20 -19.30 -8.85
C HIS A 195 -9.38 -18.97 -7.62
N LYS A 196 -8.88 -17.76 -7.60
CA LYS A 196 -8.15 -17.22 -6.47
C LYS A 196 -9.17 -16.48 -5.67
N SER A 197 -9.22 -16.77 -4.37
CA SER A 197 -10.05 -15.99 -3.44
C SER A 197 -9.47 -14.57 -3.44
N LEU A 198 -10.30 -13.57 -3.25
CA LEU A 198 -9.88 -12.19 -3.55
C LEU A 198 -8.91 -11.66 -2.49
N THR A 199 -7.80 -11.08 -2.96
CA THR A 199 -6.82 -10.47 -2.07
C THR A 199 -6.86 -8.96 -2.21
N GLY A 200 -7.00 -8.28 -1.07
CA GLY A 200 -6.85 -6.82 -0.99
C GLY A 200 -8.16 -6.16 -0.64
N THR A 201 -8.19 -4.84 -0.79
CA THR A 201 -9.39 -4.06 -0.52
C THR A 201 -10.19 -3.97 -1.78
N ALA A 202 -11.48 -4.21 -1.63
CA ALA A 202 -12.41 -4.19 -2.75
C ALA A 202 -12.35 -2.88 -3.56
N ARG A 203 -12.26 -1.76 -2.85
CA ARG A 203 -12.38 -0.43 -3.46
C ARG A 203 -11.30 -0.14 -4.47
N TYR A 204 -10.09 -0.63 -4.20
CA TYR A 204 -8.94 -0.35 -5.05
C TYR A 204 -8.53 -1.49 -5.96
N MET A 205 -8.99 -2.72 -5.65
CA MET A 205 -8.46 -3.87 -6.33
C MET A 205 -8.75 -3.80 -7.83
N SER A 206 -7.83 -4.39 -8.58
CA SER A 206 -7.91 -4.53 -10.02
C SER A 206 -9.15 -5.31 -10.44
N ILE A 207 -9.64 -5.01 -11.63
CA ILE A 207 -10.74 -5.74 -12.23
C ILE A 207 -10.43 -7.24 -12.30
N ASN A 208 -9.22 -7.59 -12.74
CA ASN A 208 -8.80 -8.98 -12.78
C ASN A 208 -8.76 -9.67 -11.41
N THR A 209 -8.42 -8.93 -10.36
CA THR A 209 -8.51 -9.46 -9.04
C THR A 209 -9.95 -9.86 -8.74
N HIS A 210 -10.91 -8.99 -9.08
CA HIS A 210 -12.34 -9.32 -8.89
C HIS A 210 -12.75 -10.61 -9.57
N LEU A 211 -12.12 -10.87 -10.73
CA LEU A 211 -12.42 -12.05 -11.53
C LEU A 211 -11.75 -13.33 -10.98
N GLY A 212 -11.09 -13.23 -9.82
CA GLY A 212 -10.45 -14.38 -9.22
C GLY A 212 -9.18 -14.80 -9.95
N LYS A 213 -8.61 -13.91 -10.76
CA LYS A 213 -7.39 -14.23 -11.45
C LYS A 213 -6.21 -14.05 -10.47
N GLU A 214 -5.19 -14.89 -10.63
CA GLU A 214 -3.88 -14.68 -10.04
C GLU A 214 -3.47 -13.25 -10.32
N GLN A 215 -3.05 -12.57 -9.26
CA GLN A 215 -2.59 -11.22 -9.39
C GLN A 215 -1.14 -11.28 -9.79
N SER A 216 -0.73 -10.27 -10.53
CA SER A 216 0.64 -10.06 -10.90
C SER A 216 0.95 -8.59 -10.79
N ARG A 217 2.05 -8.16 -11.41
CA ARG A 217 2.55 -6.81 -11.25
C ARG A 217 1.53 -5.75 -11.71
N ARG A 218 0.87 -6.01 -12.84
CA ARG A 218 -0.18 -5.16 -13.36
C ARG A 218 -1.25 -4.78 -12.31
N ASP A 219 -1.61 -5.74 -11.47
CA ASP A 219 -2.71 -5.58 -10.54
C ASP A 219 -2.34 -4.59 -9.46
N ASP A 220 -1.10 -4.63 -9.02
CA ASP A 220 -0.64 -3.63 -8.05
C ASP A 220 -0.70 -2.22 -8.61
N LEU A 221 -0.32 -2.09 -9.89
CA LEU A 221 -0.32 -0.81 -10.61
C LEU A 221 -1.72 -0.28 -10.89
N GLU A 222 -2.63 -1.19 -11.25
CA GLU A 222 -4.01 -0.85 -11.41
C GLU A 222 -4.70 -0.39 -10.12
N ALA A 223 -4.41 -1.10 -9.03
CA ALA A 223 -4.88 -0.73 -7.70
C ALA A 223 -4.41 0.65 -7.29
N LEU A 224 -3.13 0.93 -7.48
CA LEU A 224 -2.62 2.29 -7.36
C LEU A 224 -3.37 3.35 -8.17
N GLY A 225 -3.60 3.11 -9.47
CA GLY A 225 -4.42 3.93 -10.32
C GLY A 225 -5.78 4.19 -9.71
N HIS A 226 -6.43 3.14 -9.21
CA HIS A 226 -7.71 3.30 -8.54
C HIS A 226 -7.60 4.23 -7.33
N MET A 227 -6.56 4.02 -6.54
CA MET A 227 -6.33 4.82 -5.37
C MET A 227 -6.01 6.27 -5.70
N PHE A 228 -5.18 6.50 -6.73
CA PHE A 228 -4.94 7.82 -7.26
C PHE A 228 -6.26 8.57 -7.63
N MET A 229 -7.18 7.85 -8.27
CA MET A 229 -8.44 8.39 -8.70
C MET A 229 -9.34 8.69 -7.50
N TYR A 230 -9.22 7.85 -6.48
CA TYR A 230 -9.90 8.06 -5.24
C TYR A 230 -9.46 9.39 -4.61
N PHE A 231 -8.13 9.59 -4.57
CA PHE A 231 -7.55 10.79 -4.02
C PHE A 231 -8.03 12.04 -4.79
N LEU A 232 -8.04 11.95 -6.12
CA LEU A 232 -8.38 13.06 -7.00
C LEU A 232 -9.87 13.39 -6.97
N ARG A 233 -10.70 12.36 -7.04
CA ARG A 233 -12.14 12.54 -7.04
C ARG A 233 -12.72 12.76 -5.64
N GLY A 234 -12.07 12.20 -4.61
CA GLY A 234 -12.64 12.18 -3.26
C GLY A 234 -13.32 10.86 -2.95
N SER A 235 -13.65 10.12 -4.00
CA SER A 235 -14.38 8.89 -3.89
C SER A 235 -14.23 8.15 -5.20
N LEU A 236 -14.52 6.86 -5.18
CA LEU A 236 -14.62 6.11 -6.40
C LEU A 236 -16.08 5.79 -6.60
N PRO A 237 -16.47 5.58 -7.86
CA PRO A 237 -17.88 5.45 -8.19
C PRO A 237 -18.48 4.05 -7.93
N TRP A 238 -17.79 3.27 -7.12
CA TRP A 238 -18.21 1.94 -6.73
C TRP A 238 -18.07 1.75 -5.20
N GLN A 239 -17.91 2.86 -4.48
CA GLN A 239 -17.97 2.87 -3.04
C GLN A 239 -19.40 2.78 -2.59
N GLY A 240 -19.55 2.16 -1.41
CA GLY A 240 -20.86 1.98 -0.79
C GLY A 240 -21.81 1.03 -1.50
N LEU A 241 -21.28 0.15 -2.33
CA LEU A 241 -22.13 -0.89 -2.91
C LEU A 241 -22.35 -1.93 -1.81
N LYS A 242 -23.61 -2.27 -1.59
CA LYS A 242 -23.99 -3.20 -0.56
C LYS A 242 -24.39 -4.52 -1.24
N ALA A 243 -24.04 -5.64 -0.62
CA ALA A 243 -24.69 -6.91 -0.97
C ALA A 243 -24.88 -7.79 0.28
N ASP A 244 -25.66 -8.86 0.12
CA ASP A 244 -25.97 -9.77 1.23
C ASP A 244 -24.78 -10.62 1.64
N THR A 245 -23.92 -10.93 0.67
CA THR A 245 -22.68 -11.64 0.95
C THR A 245 -21.50 -10.77 0.52
N LEU A 246 -20.33 -11.06 1.06
CA LEU A 246 -19.12 -10.34 0.68
C LEU A 246 -18.74 -10.69 -0.76
N LYS A 247 -19.06 -11.91 -1.17
CA LYS A 247 -18.81 -12.32 -2.55
C LYS A 247 -19.63 -11.47 -3.53
N GLU A 248 -20.92 -11.28 -3.23
CA GLU A 248 -21.80 -10.48 -4.06
C GLU A 248 -21.40 -9.00 -4.08
N ARG A 249 -20.88 -8.52 -2.95
CA ARG A 249 -20.45 -7.14 -2.83
C ARG A 249 -19.25 -6.88 -3.73
N TYR A 250 -18.24 -7.75 -3.61
CA TYR A 250 -17.06 -7.75 -4.50
C TYR A 250 -17.48 -7.84 -5.97
N GLN A 251 -18.38 -8.75 -6.29
CA GLN A 251 -18.88 -8.92 -7.65
C GLN A 251 -19.50 -7.61 -8.20
N LYS A 252 -20.42 -6.99 -7.45
CA LYS A 252 -21.04 -5.70 -7.84
C LYS A 252 -20.04 -4.58 -8.06
N ILE A 253 -19.10 -4.44 -7.12
CA ILE A 253 -18.01 -3.48 -7.24
C ILE A 253 -17.17 -3.69 -8.52
N GLY A 254 -16.83 -4.94 -8.81
CA GLY A 254 -16.06 -5.28 -10.01
C GLY A 254 -16.88 -5.05 -11.25
N ASP A 255 -18.17 -5.39 -11.19
CA ASP A 255 -19.07 -5.07 -12.27
C ASP A 255 -19.12 -3.58 -12.58
N THR A 256 -19.21 -2.76 -11.51
CA THR A 256 -19.21 -1.30 -11.62
C THR A 256 -17.90 -0.78 -12.18
N LYS A 257 -16.79 -1.33 -11.69
CA LYS A 257 -15.47 -1.08 -12.30
C LYS A 257 -15.41 -1.37 -13.81
N ARG A 258 -15.89 -2.55 -14.22
CA ARG A 258 -15.95 -2.86 -15.64
C ARG A 258 -16.91 -1.94 -16.41
N ALA A 259 -18.06 -1.63 -15.80
CA ALA A 259 -19.08 -0.73 -16.39
C ALA A 259 -18.75 0.78 -16.41
N THR A 260 -17.70 1.18 -15.72
CA THR A 260 -17.33 2.59 -15.63
C THR A 260 -16.16 2.86 -16.57
N PRO A 261 -16.40 3.52 -17.73
CA PRO A 261 -15.28 3.77 -18.62
C PRO A 261 -14.21 4.61 -17.94
N ILE A 262 -12.95 4.27 -18.19
CA ILE A 262 -11.83 5.04 -17.75
C ILE A 262 -12.00 6.52 -18.14
N GLU A 263 -12.58 6.74 -19.32
CA GLU A 263 -12.83 8.06 -19.85
C GLU A 263 -13.66 8.90 -18.91
N VAL A 264 -14.65 8.30 -18.24
CA VAL A 264 -15.46 9.04 -17.27
C VAL A 264 -14.86 8.92 -15.84
N LEU A 265 -14.27 7.77 -15.52
CA LEU A 265 -13.60 7.64 -14.24
C LEU A 265 -12.52 8.72 -14.12
N CYS A 266 -11.76 8.92 -15.20
CA CYS A 266 -10.60 9.80 -15.17
C CYS A 266 -10.85 11.07 -15.96
N GLU A 267 -12.11 11.47 -16.07
CA GLU A 267 -12.45 12.74 -16.68
C GLU A 267 -11.72 13.89 -15.98
N ASN A 268 -11.12 14.77 -16.77
CA ASN A 268 -10.27 15.84 -16.25
C ASN A 268 -8.89 15.42 -15.87
N PHE A 269 -8.59 14.12 -15.91
CA PHE A 269 -7.24 13.62 -15.64
C PHE A 269 -6.79 12.69 -16.75
N PRO A 270 -6.44 13.28 -17.93
CA PRO A 270 -6.06 12.51 -19.11
C PRO A 270 -4.90 11.53 -18.88
N GLU A 271 -3.89 11.91 -18.11
CA GLU A 271 -2.77 11.01 -17.81
C GLU A 271 -3.09 9.82 -16.91
N MET A 272 -4.04 10.00 -15.98
CA MET A 272 -4.60 8.95 -15.18
C MET A 272 -5.36 7.97 -16.03
N ALA A 273 -6.13 8.49 -16.98
CA ALA A 273 -6.83 7.62 -17.93
C ALA A 273 -5.81 6.79 -18.72
N THR A 274 -4.76 7.43 -19.24
CA THR A 274 -3.66 6.75 -19.94
C THR A 274 -2.99 5.70 -19.05
N TYR A 275 -2.58 6.10 -17.83
CA TYR A 275 -2.05 5.16 -16.84
C TYR A 275 -3.02 3.98 -16.66
N LEU A 276 -4.29 4.27 -16.40
CA LEU A 276 -5.24 3.21 -16.07
C LEU A 276 -5.49 2.31 -17.28
N ARG A 277 -5.58 2.87 -18.47
CA ARG A 277 -5.78 2.07 -19.67
C ARG A 277 -4.61 1.16 -19.91
N TYR A 278 -3.40 1.70 -19.71
CA TYR A 278 -2.18 0.95 -19.86
C TYR A 278 -2.09 -0.24 -18.88
N VAL A 279 -2.28 0.02 -17.58
CA VAL A 279 -2.09 -1.01 -16.56
C VAL A 279 -3.17 -2.10 -16.73
N ARG A 280 -4.39 -1.70 -17.08
CA ARG A 280 -5.47 -2.64 -17.30
C ARG A 280 -5.26 -3.56 -18.50
N ARG A 281 -4.51 -3.08 -19.49
CA ARG A 281 -4.26 -3.83 -20.71
C ARG A 281 -2.95 -4.62 -20.61
N LEU A 282 -2.22 -4.48 -19.50
CA LEU A 282 -1.04 -5.29 -19.28
C LEU A 282 -1.40 -6.77 -19.27
N ASP A 283 -0.58 -7.55 -19.95
CA ASP A 283 -0.65 -8.99 -19.89
C ASP A 283 -0.26 -9.47 -18.46
N PHE A 284 -0.84 -10.61 -18.06
CA PHE A 284 -0.49 -11.25 -16.81
C PHE A 284 1.02 -11.31 -16.48
N PHE A 285 1.84 -11.70 -17.45
CA PHE A 285 3.27 -11.95 -17.22
C PHE A 285 4.12 -10.72 -17.46
N GLU A 286 3.49 -9.67 -17.98
CA GLU A 286 4.21 -8.51 -18.50
C GLU A 286 4.90 -7.63 -17.46
N LYS A 287 6.16 -7.34 -17.68
CA LYS A 287 6.88 -6.34 -16.90
C LYS A 287 6.30 -4.97 -17.25
N PRO A 288 5.68 -4.30 -16.26
CA PRO A 288 5.17 -2.97 -16.54
C PRO A 288 6.29 -2.04 -17.01
N ASP A 289 5.93 -1.06 -17.82
CA ASP A 289 6.87 0.00 -18.16
C ASP A 289 6.70 1.15 -17.13
N TYR A 290 7.41 1.01 -16.02
CA TYR A 290 7.34 1.93 -14.90
C TYR A 290 7.89 3.27 -15.31
N ASP A 291 8.91 3.28 -16.17
CA ASP A 291 9.50 4.52 -16.69
C ASP A 291 8.45 5.32 -17.42
N TYR A 292 7.76 4.65 -18.34
CA TYR A 292 6.65 5.25 -19.06
C TYR A 292 5.60 5.82 -18.12
N LEU A 293 5.20 5.04 -17.13
CA LEU A 293 4.15 5.44 -16.20
C LEU A 293 4.59 6.64 -15.35
N ARG A 294 5.81 6.58 -14.85
CA ARG A 294 6.39 7.73 -14.13
C ARG A 294 6.41 8.98 -15.01
N LYS A 295 6.75 8.80 -16.29
CA LYS A 295 6.92 9.92 -17.18
C LYS A 295 5.58 10.55 -17.54
N LEU A 296 4.54 9.73 -17.67
CA LEU A 296 3.19 10.26 -17.85
C LEU A 296 2.96 11.33 -16.76
N PHE A 297 3.30 10.95 -15.52
CA PHE A 297 3.05 11.80 -14.35
C PHE A 297 4.07 12.93 -14.11
N THR A 298 5.33 12.65 -14.40
CA THR A 298 6.36 13.68 -14.29
C THR A 298 6.24 14.74 -15.41
N ASP A 299 5.83 14.33 -16.62
CA ASP A 299 5.61 15.25 -17.71
C ASP A 299 4.41 16.12 -17.38
N LEU A 300 3.35 15.50 -16.86
CA LEU A 300 2.18 16.21 -16.35
C LEU A 300 2.56 17.21 -15.25
N PHE A 301 3.25 16.71 -14.25
CA PHE A 301 3.71 17.51 -13.13
C PHE A 301 4.41 18.80 -13.61
N ASP A 302 5.33 18.62 -14.54
CA ASP A 302 6.10 19.71 -15.19
C ASP A 302 5.26 20.67 -16.00
N ARG A 303 4.32 20.16 -16.82
CA ARG A 303 3.38 21.00 -17.59
C ARG A 303 2.53 21.89 -16.71
N LYS A 304 2.23 21.43 -15.49
CA LYS A 304 1.39 22.13 -14.53
C LYS A 304 2.18 23.15 -13.72
N GLY A 305 3.51 23.12 -13.87
CA GLY A 305 4.36 24.06 -13.19
C GLY A 305 4.56 23.69 -11.75
N TYR A 306 4.23 22.45 -11.39
CA TYR A 306 4.46 21.93 -10.05
C TYR A 306 5.96 21.76 -9.82
N MET A 307 6.36 22.08 -8.59
CA MET A 307 7.70 21.80 -8.10
C MET A 307 7.60 20.63 -7.13
N PHE A 308 8.39 19.59 -7.37
CA PHE A 308 8.45 18.46 -6.47
C PHE A 308 9.21 18.89 -5.22
N ASP A 309 8.48 19.47 -4.28
CA ASP A 309 9.05 20.07 -3.09
C ASP A 309 8.46 19.40 -1.84
N TYR A 310 7.81 18.24 -2.03
CA TYR A 310 7.05 17.61 -0.94
C TYR A 310 6.11 18.50 -0.13
N GLU A 311 5.61 19.57 -0.74
CA GLU A 311 4.58 20.43 -0.14
C GLU A 311 3.22 19.84 -0.48
N TYR A 312 2.92 18.76 0.21
CA TYR A 312 1.70 18.05 0.06
C TYR A 312 0.60 18.88 0.70
N ASP A 313 -0.64 18.56 0.35
CA ASP A 313 -1.81 19.24 0.91
C ASP A 313 -1.81 19.27 2.45
N TRP A 314 -1.22 18.25 3.07
CA TRP A 314 -1.27 18.14 4.54
C TRP A 314 -0.17 18.87 5.27
N ILE A 315 0.73 19.51 4.55
CA ILE A 315 1.81 20.24 5.19
C ILE A 315 1.23 21.47 5.90
N GLY A 316 1.71 21.70 7.11
CA GLY A 316 1.18 22.76 7.97
C GLY A 316 -0.12 22.41 8.68
N LYS A 317 -0.56 21.16 8.57
CA LYS A 317 -1.67 20.67 9.38
C LYS A 317 -1.12 19.90 10.58
N GLN A 318 -1.93 19.80 11.63
CA GLN A 318 -1.60 19.02 12.82
C GLN A 318 -1.76 17.54 12.50
N LEU A 319 -0.63 16.87 12.27
CA LEU A 319 -0.62 15.43 11.95
C LEU A 319 -0.78 14.63 13.24
N PRO A 320 -1.60 13.57 13.21
CA PRO A 320 -1.75 12.72 14.40
C PRO A 320 -0.49 11.88 14.72
N THR A 321 -0.10 11.89 16.00
CA THR A 321 1.10 11.19 16.48
C THR A 321 0.86 10.39 17.78
N PRO A 322 1.37 9.14 17.84
CA PRO A 322 1.27 8.31 19.06
C PRO A 322 2.13 8.76 20.24
FAF DKI B . 0.09 0.95 8.25
CAU DKI B . -0.38 -0.13 8.94
CAI DKI B . -1.22 -1.06 8.33
CAH DKI B . -1.65 -2.18 9.05
CAJ DKI B . -1.28 -2.35 10.39
CAV DKI B . -0.44 -1.40 10.99
FAG DKI B . -0.08 -1.62 12.27
CAZ DKI B . 0.01 -0.28 10.26
NAQ DKI B . 0.79 0.72 10.76
CAS DKI B . 2.07 0.63 11.04
SAE DKI B . 2.93 -0.83 10.80
NBA DKI B . 2.72 1.72 11.51
NAP DKI B . 2.11 2.73 11.87
CAT DKI B . 4.06 1.96 11.56
NAA DKI B . 5.12 1.16 11.25
NAO DKI B . 4.25 3.17 12.01
CAX DKI B . 3.02 3.64 12.20
NAR DKI B . 2.84 4.87 12.62
CAW DKI B . 1.73 5.38 13.15
CAL DKI B . 0.72 4.62 13.70
CAN DKI B . -0.36 5.27 14.27
CAK DKI B . 1.66 6.77 13.17
CAM DKI B . 0.58 7.42 13.73
CAY DKI B . -0.44 6.66 14.26
SBB DKI B . -1.84 7.43 15.03
OAC DKI B . -1.46 8.84 15.39
OAD DKI B . -3.06 7.34 14.14
NAB DKI B . -2.03 6.58 16.50
S SO4 C . -12.37 3.30 -21.53
O1 SO4 C . -12.62 2.48 -20.36
O2 SO4 C . -13.24 2.83 -22.60
O3 SO4 C . -12.68 4.71 -21.32
O4 SO4 C . -10.96 3.13 -21.87
S SO4 D . -16.36 0.69 0.08
O1 SO4 D . -15.59 -0.13 1.02
O2 SO4 D . -17.46 -0.07 -0.45
O3 SO4 D . -16.85 1.90 0.71
O4 SO4 D . -15.49 1.01 -1.05
S SO4 E . -6.12 21.09 -7.60
O1 SO4 E . -7.04 20.76 -6.50
O2 SO4 E . -6.81 21.88 -8.63
O3 SO4 E . -5.00 21.85 -7.01
O4 SO4 E . -5.65 19.89 -8.29
S SO4 F . -1.86 -17.01 -2.64
O1 SO4 F . -3.11 -17.53 -2.09
O2 SO4 F . -2.25 -16.26 -3.83
O3 SO4 F . -1.17 -16.25 -1.64
O4 SO4 F . -0.93 -18.07 -3.02
S SO4 G . 10.51 -9.86 -16.16
O1 SO4 G . 10.87 -10.99 -15.33
O2 SO4 G . 9.14 -9.98 -16.64
O3 SO4 G . 10.68 -8.71 -15.31
O4 SO4 G . 11.37 -9.78 -17.33
#